data_2CC3
#
_entry.id   2CC3
#
_cell.length_a   112.269
_cell.length_b   72.349
_cell.length_c   48.844
_cell.angle_alpha   90.00
_cell.angle_beta   110.66
_cell.angle_gamma   90.00
#
_symmetry.space_group_name_H-M   'C 1 2 1'
#
loop_
_entity.id
_entity.type
_entity.pdbx_description
1 polymer 'PROTEIN VIRB8'
2 non-polymer (4S)-2-METHYL-2,4-PENTANEDIOL
3 water water
#
_entity_poly.entity_id   1
_entity_poly.type   'polypeptide(L)'
_entity_poly.pdbx_seq_one_letter_code
;GPHMTQEEAVVNASLWEYVRLRESYDADTAQYAYDLVSNFSAPMVRQNYQQFFNYPNPTSPQVILGKHGRLEVEHIASND
VTPGVQQIRYKRTLIVDGKMPMASTWTATVRYEKVTSLPGRLRLTNPGGLVVTSYQTSEDTVSNAGHSEP
;
_entity_poly.pdbx_strand_id   A,B
#
loop_
_chem_comp.id
_chem_comp.type
_chem_comp.name
_chem_comp.formula
MPD non-polymer (4S)-2-METHYL-2,4-PENTANEDIOL 'C6 H14 O2'
#
# COMPACT_ATOMS: atom_id res chain seq x y z
N GLY A 1 -18.28 21.30 -8.03
CA GLY A 1 -17.18 20.33 -7.81
C GLY A 1 -16.30 20.71 -6.63
N PRO A 2 -16.14 19.78 -5.65
CA PRO A 2 -15.23 19.97 -4.51
C PRO A 2 -13.74 19.85 -4.92
N HIS A 3 -12.97 20.90 -4.64
CA HIS A 3 -11.58 21.00 -5.08
C HIS A 3 -10.57 20.74 -3.95
N MET A 4 -9.46 20.10 -4.29
CA MET A 4 -8.29 20.09 -3.42
C MET A 4 -7.00 20.21 -4.22
N THR A 5 -6.01 20.85 -3.60
CA THR A 5 -4.66 20.86 -4.14
C THR A 5 -4.09 19.44 -4.15
N GLN A 6 -3.17 19.16 -5.07
CA GLN A 6 -2.53 17.86 -5.08
C GLN A 6 -1.72 17.62 -3.80
N GLU A 7 -1.13 18.68 -3.25
CA GLU A 7 -0.37 18.59 -1.98
C GLU A 7 -1.23 18.10 -0.85
N GLU A 8 -2.42 18.67 -0.73
CA GLU A 8 -3.44 18.26 0.22
C GLU A 8 -3.94 16.84 -0.06
N ALA A 9 -4.05 16.47 -1.34
CA ALA A 9 -4.44 15.08 -1.69
C ALA A 9 -3.38 14.08 -1.26
N VAL A 10 -2.13 14.39 -1.57
CA VAL A 10 -0.99 13.59 -1.15
C VAL A 10 -0.88 13.43 0.37
N VAL A 11 -1.07 14.53 1.12
CA VAL A 11 -1.11 14.44 2.59
C VAL A 11 -2.10 13.39 3.07
N ASN A 12 -3.35 13.52 2.62
CA ASN A 12 -4.47 12.72 3.13
C ASN A 12 -4.29 11.26 2.84
N ALA A 13 -3.82 11.00 1.63
CA ALA A 13 -3.45 9.68 1.18
C ALA A 13 -2.30 9.08 1.99
N SER A 14 -1.25 9.83 2.25
CA SER A 14 -0.05 9.22 2.94
C SER A 14 -0.38 8.96 4.44
N LEU A 15 -1.16 9.87 5.04
CA LEU A 15 -1.52 9.78 6.46
C LEU A 15 -2.48 8.66 6.71
N TRP A 16 -3.39 8.45 5.76
CA TRP A 16 -4.32 7.31 5.80
C TRP A 16 -3.64 5.99 5.59
N GLU A 17 -2.73 5.97 4.62
CA GLU A 17 -1.90 4.78 4.43
C GLU A 17 -1.10 4.50 5.73
N TYR A 18 -0.58 5.55 6.35
CA TYR A 18 0.06 5.41 7.67
C TYR A 18 -0.87 4.75 8.66
N VAL A 19 -2.03 5.37 8.86
CA VAL A 19 -3.02 4.76 9.75
C VAL A 19 -3.31 3.32 9.37
N ARG A 20 -3.64 3.09 8.10
CA ARG A 20 -4.04 1.77 7.70
C ARG A 20 -2.93 0.75 8.00
N LEU A 21 -1.70 1.07 7.58
CA LEU A 21 -0.58 0.14 7.78
C LEU A 21 -0.28 -0.10 9.27
N ARG A 22 -0.45 0.94 10.08
CA ARG A 22 -0.14 0.84 11.49
C ARG A 22 -1.23 0.11 12.28
N GLU A 23 -2.49 0.26 11.89
CA GLU A 23 -3.60 -0.22 12.70
C GLU A 23 -4.19 -1.55 12.18
N SER A 24 -3.86 -1.88 10.94
CA SER A 24 -4.17 -3.17 10.32
C SER A 24 -3.24 -4.24 10.85
N TYR A 25 -3.61 -5.51 10.69
CA TYR A 25 -2.69 -6.63 10.97
C TYR A 25 -2.97 -7.85 10.12
N ASP A 26 -1.90 -8.37 9.51
CA ASP A 26 -1.99 -9.60 8.75
C ASP A 26 -0.60 -10.21 8.83
N ALA A 27 -0.48 -11.43 9.35
CA ALA A 27 0.86 -12.05 9.48
C ALA A 27 1.69 -11.99 8.18
N ASP A 28 1.02 -12.11 7.02
CA ASP A 28 1.69 -12.01 5.72
C ASP A 28 2.26 -10.63 5.42
N THR A 29 1.58 -9.58 5.89
CA THR A 29 1.96 -8.19 5.61
C THR A 29 2.66 -7.54 6.78
N ALA A 30 2.86 -8.31 7.84
CA ALA A 30 3.40 -7.79 9.09
C ALA A 30 4.75 -7.05 8.93
N GLN A 31 5.67 -7.68 8.16
CA GLN A 31 7.00 -7.11 7.92
C GLN A 31 6.98 -5.92 6.95
N TYR A 32 6.26 -6.08 5.85
CA TYR A 32 6.03 -5.00 4.92
C TYR A 32 5.43 -3.77 5.64
N ALA A 33 4.35 -3.97 6.40
CA ALA A 33 3.73 -2.81 7.07
C ALA A 33 4.66 -2.17 8.13
N TYR A 34 5.30 -3.01 8.93
CA TYR A 34 6.25 -2.58 9.98
C TYR A 34 7.37 -1.68 9.46
N ASP A 35 7.94 -2.02 8.30
CA ASP A 35 9.01 -1.21 7.73
C ASP A 35 8.56 0.15 7.17
N LEU A 36 7.45 0.16 6.41
CA LEU A 36 6.85 1.42 5.96
C LEU A 36 6.42 2.29 7.16
N VAL A 37 5.71 1.73 8.14
CA VAL A 37 5.31 2.50 9.32
C VAL A 37 6.53 3.11 10.01
N SER A 38 7.57 2.30 10.25
CA SER A 38 8.83 2.76 10.91
C SER A 38 9.54 3.89 10.17
N ASN A 39 9.59 3.79 8.85
CA ASN A 39 10.31 4.77 8.02
C ASN A 39 9.64 6.13 7.97
N PHE A 40 8.31 6.10 8.08
CA PHE A 40 7.45 7.26 8.07
C PHE A 40 7.45 8.06 9.41
N SER A 41 8.01 7.49 10.47
CA SER A 41 7.85 8.04 11.83
C SER A 41 9.13 8.65 12.38
N ALA A 42 9.01 9.81 13.03
CA ALA A 42 10.13 10.41 13.75
C ALA A 42 10.44 9.53 14.96
N PRO A 43 11.68 9.57 15.48
CA PRO A 43 12.24 8.68 16.53
C PRO A 43 11.32 8.15 17.65
N MET A 44 10.58 9.01 18.32
CA MET A 44 9.72 8.53 19.43
C MET A 44 8.49 7.77 18.96
N VAL A 45 7.86 8.30 17.92
CA VAL A 45 6.76 7.63 17.24
C VAL A 45 7.24 6.26 16.77
N ARG A 46 8.40 6.20 16.11
CA ARG A 46 8.94 4.91 15.66
C ARG A 46 9.10 3.94 16.83
N GLN A 47 9.57 4.44 17.96
CA GLN A 47 9.84 3.61 19.11
C GLN A 47 8.59 3.16 19.81
N ASN A 48 7.62 4.07 19.98
CA ASN A 48 6.29 3.68 20.49
C ASN A 48 5.67 2.56 19.64
N TYR A 49 5.71 2.71 18.33
CA TYR A 49 5.12 1.70 17.45
C TYR A 49 5.84 0.36 17.55
N GLN A 50 7.18 0.41 17.50
CA GLN A 50 8.00 -0.79 17.53
C GLN A 50 7.92 -1.58 18.82
N GLN A 51 7.84 -0.88 19.95
CA GLN A 51 7.73 -1.51 21.27
C GLN A 51 6.37 -2.19 21.45
N PHE A 52 5.34 -1.60 20.83
CA PHE A 52 4.03 -2.20 20.83
C PHE A 52 3.97 -3.44 19.92
N PHE A 53 4.39 -3.27 18.68
CA PHE A 53 4.34 -4.32 17.69
C PHE A 53 5.26 -5.52 17.94
N ASN A 54 6.50 -5.26 18.39
CA ASN A 54 7.48 -6.35 18.50
C ASN A 54 7.23 -7.33 19.66
N TYR A 55 7.68 -8.57 19.48
CA TYR A 55 7.89 -9.50 20.60
C TYR A 55 8.95 -8.88 21.52
N PRO A 56 8.81 -9.04 22.85
CA PRO A 56 7.90 -9.95 23.55
C PRO A 56 6.58 -9.35 24.06
N ASN A 57 6.14 -8.24 23.48
CA ASN A 57 4.89 -7.61 23.91
C ASN A 57 3.68 -8.56 23.81
N PRO A 58 3.15 -9.02 24.99
CA PRO A 58 2.09 -10.03 25.05
C PRO A 58 0.78 -9.55 24.44
N THR A 59 0.64 -8.24 24.25
CA THR A 59 -0.55 -7.63 23.64
C THR A 59 -0.37 -7.23 22.16
N SER A 60 0.80 -7.50 21.60
CA SER A 60 1.04 -7.29 20.18
C SER A 60 0.04 -8.10 19.36
N PRO A 61 -0.43 -7.52 18.22
CA PRO A 61 -1.29 -8.31 17.30
C PRO A 61 -0.62 -9.61 16.85
N GLN A 62 0.70 -9.59 16.73
CA GLN A 62 1.47 -10.76 16.34
C GLN A 62 1.27 -11.90 17.31
N VAL A 63 1.36 -11.57 18.58
CA VAL A 63 1.19 -12.50 19.70
C VAL A 63 -0.27 -12.96 19.86
N ILE A 64 -1.20 -11.99 19.93
CA ILE A 64 -2.64 -12.24 20.11
C ILE A 64 -3.30 -12.97 18.94
N LEU A 65 -2.98 -12.50 17.72
CA LEU A 65 -3.66 -12.99 16.54
C LEU A 65 -2.80 -13.94 15.71
N GLY A 66 -1.51 -13.64 15.59
CA GLY A 66 -0.59 -14.46 14.82
C GLY A 66 -1.10 -14.73 13.42
N LYS A 67 -1.19 -16.01 13.10
CA LYS A 67 -1.55 -16.43 11.77
C LYS A 67 -3.04 -16.68 11.69
N HIS A 68 -3.73 -16.61 12.84
CA HIS A 68 -5.15 -17.01 12.97
C HIS A 68 -6.17 -15.88 13.05
N GLY A 69 -5.70 -14.65 12.90
CA GLY A 69 -6.58 -13.50 12.98
C GLY A 69 -5.99 -12.33 12.22
N ARG A 70 -6.84 -11.35 11.96
CA ARG A 70 -6.48 -10.16 11.22
C ARG A 70 -7.27 -8.98 11.77
N LEU A 71 -6.72 -7.78 11.57
CA LEU A 71 -7.38 -6.52 11.83
C LEU A 71 -7.47 -5.76 10.52
N GLU A 72 -8.69 -5.34 10.15
CA GLU A 72 -8.94 -4.51 8.99
C GLU A 72 -9.44 -3.10 9.35
N VAL A 73 -9.10 -2.12 8.51
CA VAL A 73 -9.33 -0.72 8.79
C VAL A 73 -10.07 -0.09 7.61
N GLU A 74 -11.19 0.56 7.91
CA GLU A 74 -11.99 1.27 6.92
C GLU A 74 -11.89 2.73 7.22
N HIS A 75 -11.54 3.58 6.25
CA HIS A 75 -11.55 5.02 6.46
C HIS A 75 -12.97 5.47 6.77
N ILE A 76 -13.12 6.47 7.65
CA ILE A 76 -14.41 7.16 7.76
C ILE A 76 -14.28 8.64 7.43
N ALA A 77 -13.39 9.37 8.11
CA ALA A 77 -13.20 10.82 7.76
C ALA A 77 -11.77 11.31 8.02
N SER A 78 -11.30 12.32 7.28
CA SER A 78 -10.05 13.02 7.63
C SER A 78 -10.34 14.49 7.83
N ASN A 79 -9.90 15.03 8.97
CA ASN A 79 -10.20 16.42 9.31
C ASN A 79 -8.90 17.10 9.72
N ASP A 80 -8.56 18.21 9.04
CA ASP A 80 -7.40 18.99 9.43
C ASP A 80 -7.78 19.89 10.59
N VAL A 81 -7.11 19.71 11.72
CA VAL A 81 -7.44 20.52 12.90
C VAL A 81 -6.61 21.81 12.95
N THR A 82 -5.30 21.68 12.74
CA THR A 82 -4.35 22.80 12.60
C THR A 82 -3.34 22.39 11.53
N PRO A 83 -2.57 23.35 10.98
CA PRO A 83 -1.50 22.94 10.08
C PRO A 83 -0.60 21.90 10.75
N GLY A 84 -0.35 20.79 10.05
CA GLY A 84 0.47 19.70 10.56
C GLY A 84 -0.19 18.73 11.55
N VAL A 85 -1.50 18.84 11.72
CA VAL A 85 -2.33 17.95 12.59
C VAL A 85 -3.61 17.54 11.82
N GLN A 86 -3.85 16.23 11.78
CA GLN A 86 -5.02 15.73 11.12
C GLN A 86 -5.60 14.70 12.09
N GLN A 87 -6.93 14.68 12.19
CA GLN A 87 -7.60 13.59 12.87
C GLN A 87 -8.27 12.71 11.83
N ILE A 88 -8.15 11.40 12.04
CA ILE A 88 -8.67 10.40 11.12
C ILE A 88 -9.55 9.41 11.84
N ARG A 89 -10.84 9.41 11.49
CA ARG A 89 -11.81 8.47 12.04
C ARG A 89 -11.82 7.23 11.16
N TYR A 90 -11.78 6.03 11.77
CA TYR A 90 -11.76 4.80 11.02
C TYR A 90 -12.45 3.73 11.81
N LYS A 91 -12.99 2.75 11.10
CA LYS A 91 -13.58 1.57 11.68
C LYS A 91 -12.57 0.45 11.64
N ARG A 92 -12.47 -0.29 12.75
CA ARG A 92 -11.52 -1.37 12.88
C ARG A 92 -12.23 -2.70 13.14
N THR A 93 -11.95 -3.69 12.32
CA THR A 93 -12.64 -4.96 12.36
C THR A 93 -11.65 -6.05 12.72
N LEU A 94 -11.97 -6.77 13.79
CA LEU A 94 -11.25 -7.97 14.20
C LEU A 94 -11.90 -9.21 13.58
N ILE A 95 -11.12 -9.95 12.81
CA ILE A 95 -11.58 -11.18 12.16
C ILE A 95 -10.78 -12.37 12.67
N VAL A 96 -11.42 -13.18 13.50
CA VAL A 96 -10.82 -14.39 14.06
C VAL A 96 -11.59 -15.63 13.60
N ASP A 97 -10.97 -16.81 13.77
CA ASP A 97 -11.60 -18.11 13.47
C ASP A 97 -12.80 -18.37 14.35
N GLY A 98 -13.90 -18.85 13.77
CA GLY A 98 -15.06 -19.31 14.53
C GLY A 98 -15.92 -18.24 15.18
N LYS A 99 -15.56 -16.98 14.96
CA LYS A 99 -16.28 -15.84 15.52
C LYS A 99 -16.75 -14.89 14.43
N MET A 100 -17.85 -14.19 14.70
CA MET A 100 -18.31 -13.10 13.83
C MET A 100 -17.27 -11.96 13.81
N PRO A 101 -17.20 -11.21 12.69
CA PRO A 101 -16.29 -10.06 12.71
C PRO A 101 -16.71 -9.01 13.75
N MET A 102 -15.80 -8.69 14.67
CA MET A 102 -16.02 -7.69 15.72
C MET A 102 -15.46 -6.34 15.33
N ALA A 103 -16.30 -5.32 15.36
CA ALA A 103 -15.93 -3.99 14.88
C ALA A 103 -16.02 -2.90 15.96
N SER A 104 -15.19 -1.86 15.78
CA SER A 104 -15.14 -0.69 16.66
C SER A 104 -14.61 0.50 15.87
N THR A 105 -14.95 1.72 16.31
CA THR A 105 -14.54 2.96 15.64
C THR A 105 -13.54 3.77 16.49
N TRP A 106 -12.63 4.46 15.81
CA TRP A 106 -11.44 5.07 16.42
C TRP A 106 -11.18 6.45 15.82
N THR A 107 -10.45 7.29 16.54
CA THR A 107 -9.99 8.54 15.97
C THR A 107 -8.47 8.54 16.12
N ALA A 108 -7.71 8.54 15.03
CA ALA A 108 -6.27 8.77 15.16
C ALA A 108 -6.01 10.27 15.12
N THR A 109 -5.14 10.75 16.01
CA THR A 109 -4.64 12.14 15.94
C THR A 109 -3.20 12.11 15.43
N VAL A 110 -2.96 12.76 14.28
CA VAL A 110 -1.66 12.62 13.58
C VAL A 110 -1.05 13.99 13.30
N ARG A 111 0.08 14.26 13.95
CA ARG A 111 0.92 15.43 13.63
C ARG A 111 2.05 14.97 12.71
N TYR A 112 2.33 15.79 11.71
CA TYR A 112 3.33 15.40 10.71
C TYR A 112 4.11 16.65 10.36
N GLU A 113 5.34 16.44 9.86
CA GLU A 113 6.13 17.48 9.22
C GLU A 113 6.46 17.06 7.78
N LYS A 114 6.90 18.00 6.98
CA LYS A 114 7.54 17.71 5.69
C LYS A 114 9.05 17.81 5.79
N VAL A 115 9.76 16.76 5.38
CA VAL A 115 11.20 16.87 5.13
C VAL A 115 11.44 17.05 3.62
N THR A 116 12.40 17.92 3.29
CA THR A 116 12.76 18.20 1.89
C THR A 116 13.44 17.05 1.13
N SER A 117 14.14 16.19 1.85
CA SER A 117 14.99 15.21 1.23
C SER A 117 14.76 13.82 1.81
N LEU A 118 14.74 12.81 0.95
CA LEU A 118 14.55 11.42 1.38
C LEU A 118 15.48 10.59 0.50
N PRO A 119 16.05 9.50 1.03
CA PRO A 119 16.69 8.52 0.12
C PRO A 119 15.70 8.04 -0.94
N GLY A 120 16.18 7.66 -2.11
CA GLY A 120 15.34 7.21 -3.21
C GLY A 120 14.35 6.14 -2.81
N ARG A 121 14.85 5.12 -2.12
CA ARG A 121 14.02 3.99 -1.64
C ARG A 121 12.82 4.39 -0.79
N LEU A 122 12.95 5.52 -0.09
CA LEU A 122 11.89 6.13 0.71
C LEU A 122 11.01 7.11 -0.09
N ARG A 123 11.63 7.94 -0.91
CA ARG A 123 10.89 8.82 -1.82
C ARG A 123 9.83 8.03 -2.61
N LEU A 124 10.21 6.85 -3.06
CA LEU A 124 9.34 5.94 -3.83
C LEU A 124 7.99 5.58 -3.17
N THR A 125 7.93 5.61 -1.84
CA THR A 125 6.75 5.12 -1.10
C THR A 125 6.12 6.29 -0.29
N ASN A 126 6.84 7.40 -0.28
CA ASN A 126 6.49 8.60 0.50
C ASN A 126 6.91 9.77 -0.41
N PRO A 127 6.21 9.95 -1.55
CA PRO A 127 6.48 11.06 -2.47
C PRO A 127 6.48 12.46 -1.88
N GLY A 128 5.64 12.71 -0.88
CA GLY A 128 5.54 14.04 -0.29
C GLY A 128 6.49 14.35 0.88
N GLY A 129 7.28 13.38 1.31
CA GLY A 129 8.28 13.60 2.34
C GLY A 129 7.68 13.77 3.73
N LEU A 130 6.56 13.11 3.96
CA LEU A 130 5.83 13.18 5.22
C LEU A 130 6.47 12.30 6.28
N VAL A 131 6.69 12.86 7.46
CA VAL A 131 7.12 12.08 8.62
C VAL A 131 6.14 12.38 9.72
N VAL A 132 5.72 11.33 10.41
CA VAL A 132 4.84 11.49 11.60
C VAL A 132 5.62 11.71 12.89
N THR A 133 5.42 12.89 13.47
CA THR A 133 6.13 13.39 14.66
C THR A 133 5.39 13.21 16.01
N SER A 134 4.06 13.09 15.92
CA SER A 134 3.22 12.61 17.01
C SER A 134 2.01 11.78 16.52
N TYR A 135 1.68 10.76 17.29
CA TYR A 135 0.62 9.83 16.96
C TYR A 135 -0.02 9.19 18.17
N GLN A 136 -1.32 9.38 18.31
CA GLN A 136 -2.13 8.75 19.34
C GLN A 136 -3.45 8.30 18.75
N THR A 137 -3.98 7.22 19.25
CA THR A 137 -5.28 6.81 18.79
C THR A 137 -6.20 6.44 19.94
N SER A 138 -7.48 6.69 19.76
CA SER A 138 -8.43 6.45 20.81
C SER A 138 -9.64 5.74 20.24
N GLU A 139 -9.95 4.60 20.85
CA GLU A 139 -11.11 3.84 20.53
C GLU A 139 -12.32 4.49 21.21
N ASP A 140 -13.43 4.52 20.49
CA ASP A 140 -14.69 4.96 21.05
C ASP A 140 -15.01 4.20 22.32
N THR A 141 -15.45 4.95 23.32
CA THR A 141 -15.87 4.39 24.59
C THR A 141 -17.20 3.64 24.43
N VAL A 142 -17.41 2.58 25.19
CA VAL A 142 -18.69 1.86 25.16
C VAL A 142 -19.47 1.89 26.49
N SER A 143 -20.79 1.98 26.37
CA SER A 143 -21.69 2.01 27.50
C SER A 143 -22.89 1.10 27.17
N ASN A 144 -23.35 0.34 28.16
CA ASN A 144 -24.19 -0.89 27.95
C ASN A 144 -23.63 -2.01 27.01
N GLY B 1 22.05 18.31 -5.84
CA GLY B 1 21.39 17.07 -5.33
C GLY B 1 20.27 16.62 -6.25
N PRO B 2 19.93 15.30 -6.24
CA PRO B 2 18.82 14.81 -7.08
C PRO B 2 17.47 15.51 -6.78
N HIS B 3 17.07 16.45 -7.63
CA HIS B 3 15.80 17.16 -7.49
C HIS B 3 14.64 16.48 -8.28
N MET B 4 13.49 16.33 -7.64
CA MET B 4 12.27 15.97 -8.36
C MET B 4 11.12 16.86 -7.95
N THR B 5 10.23 17.12 -8.90
CA THR B 5 8.96 17.75 -8.58
C THR B 5 8.12 16.77 -7.78
N GLN B 6 7.23 17.28 -6.94
CA GLN B 6 6.31 16.46 -6.18
C GLN B 6 5.44 15.62 -7.15
N GLU B 7 5.02 16.24 -8.25
CA GLU B 7 4.19 15.57 -9.26
C GLU B 7 4.83 14.33 -9.89
N GLU B 8 6.12 14.47 -10.22
CA GLU B 8 7.00 13.41 -10.67
C GLU B 8 7.18 12.33 -9.59
N ALA B 9 7.34 12.77 -8.33
CA ALA B 9 7.41 11.86 -7.18
C ALA B 9 6.11 11.04 -6.99
N VAL B 10 4.98 11.71 -7.06
CA VAL B 10 3.67 11.08 -7.00
C VAL B 10 3.44 10.05 -8.14
N VAL B 11 3.80 10.40 -9.36
CA VAL B 11 3.73 9.47 -10.51
C VAL B 11 4.48 8.17 -10.24
N ASN B 12 5.74 8.31 -9.81
CA ASN B 12 6.69 7.22 -9.63
C ASN B 12 6.23 6.26 -8.54
N ALA B 13 5.74 6.87 -7.45
CA ALA B 13 5.17 6.16 -6.30
C ALA B 13 3.92 5.38 -6.67
N SER B 14 3.04 6.01 -7.40
CA SER B 14 1.71 5.44 -7.78
C SER B 14 1.86 4.27 -8.78
N LEU B 15 2.68 4.47 -9.80
CA LEU B 15 2.98 3.42 -10.83
C LEU B 15 3.68 2.19 -10.27
N TRP B 16 4.63 2.44 -9.35
CA TRP B 16 5.30 1.37 -8.61
C TRP B 16 4.36 0.62 -7.65
N GLU B 17 3.57 1.36 -6.90
CA GLU B 17 2.46 0.71 -6.17
C GLU B 17 1.61 -0.12 -7.13
N TYR B 18 1.27 0.45 -8.28
CA TYR B 18 0.49 -0.26 -9.32
C TYR B 18 1.18 -1.60 -9.67
N VAL B 19 2.43 -1.52 -10.11
CA VAL B 19 3.21 -2.71 -10.43
C VAL B 19 3.24 -3.64 -9.23
N ARG B 20 3.60 -3.13 -8.06
CA ARG B 20 3.73 -3.99 -6.88
C ARG B 20 2.44 -4.75 -6.57
N LEU B 21 1.30 -4.04 -6.61
CA LEU B 21 -0.02 -4.63 -6.34
C LEU B 21 -0.40 -5.68 -7.37
N ARG B 22 -0.05 -5.40 -8.61
CA ARG B 22 -0.44 -6.26 -9.71
C ARG B 22 0.46 -7.49 -9.86
N GLU B 23 1.74 -7.36 -9.48
CA GLU B 23 2.70 -8.45 -9.75
C GLU B 23 2.99 -9.32 -8.53
N SER B 24 2.62 -8.79 -7.37
CA SER B 24 2.70 -9.47 -6.08
C SER B 24 1.51 -10.41 -5.93
N TYR B 25 1.64 -11.41 -5.09
CA TYR B 25 0.49 -12.22 -4.74
C TYR B 25 0.53 -12.77 -3.32
N ASP B 26 -0.54 -12.54 -2.58
CA ASP B 26 -0.79 -13.24 -1.33
C ASP B 26 -2.29 -13.43 -1.22
N ALA B 27 -2.70 -14.64 -0.90
CA ALA B 27 -4.13 -14.94 -0.72
C ALA B 27 -4.85 -13.95 0.25
N ASP B 28 -4.12 -13.48 1.26
CA ASP B 28 -4.63 -12.50 2.23
C ASP B 28 -4.83 -11.11 1.63
N THR B 29 -3.98 -10.72 0.69
CA THR B 29 -4.09 -9.40 0.08
C THR B 29 -4.70 -9.41 -1.34
N ALA B 30 -5.10 -10.60 -1.82
CA ALA B 30 -5.68 -10.74 -3.17
C ALA B 30 -6.83 -9.77 -3.50
N GLN B 31 -7.81 -9.69 -2.59
CA GLN B 31 -9.00 -8.86 -2.81
C GLN B 31 -8.72 -7.34 -2.73
N TYR B 32 -7.91 -6.95 -1.76
CA TYR B 32 -7.43 -5.60 -1.62
C TYR B 32 -6.64 -5.22 -2.89
N ALA B 33 -5.65 -6.03 -3.27
CA ALA B 33 -4.85 -5.76 -4.48
C ALA B 33 -5.74 -5.63 -5.73
N TYR B 34 -6.59 -6.64 -5.93
CA TYR B 34 -7.49 -6.72 -7.10
C TYR B 34 -8.30 -5.47 -7.32
N ASP B 35 -8.88 -4.96 -6.23
CA ASP B 35 -9.69 -3.74 -6.24
C ASP B 35 -8.91 -2.47 -6.62
N LEU B 36 -7.80 -2.21 -5.94
CA LEU B 36 -6.91 -1.08 -6.32
C LEU B 36 -6.39 -1.22 -7.74
N VAL B 37 -5.95 -2.42 -8.11
CA VAL B 37 -5.38 -2.55 -9.47
C VAL B 37 -6.42 -2.20 -10.54
N SER B 38 -7.59 -2.81 -10.41
CA SER B 38 -8.79 -2.59 -11.23
C SER B 38 -9.29 -1.18 -11.26
N ASN B 39 -9.31 -0.51 -10.10
CA ASN B 39 -9.80 0.88 -10.02
C ASN B 39 -8.96 1.87 -10.81
N PHE B 40 -7.70 1.56 -10.98
CA PHE B 40 -6.85 2.56 -11.57
C PHE B 40 -6.29 2.16 -12.94
N SER B 41 -7.00 1.21 -13.57
CA SER B 41 -6.78 0.72 -14.94
C SER B 41 -7.93 1.11 -15.89
N ALA B 42 -7.60 1.62 -17.07
CA ALA B 42 -8.58 1.89 -18.13
C ALA B 42 -9.13 0.57 -18.66
N PRO B 43 -10.31 0.57 -19.28
CA PRO B 43 -11.09 -0.66 -19.48
C PRO B 43 -10.37 -1.90 -20.05
N MET B 44 -9.55 -1.71 -21.05
CA MET B 44 -8.81 -2.85 -21.61
C MET B 44 -7.78 -3.45 -20.63
N VAL B 45 -6.95 -2.57 -20.06
CA VAL B 45 -6.01 -2.95 -18.99
C VAL B 45 -6.74 -3.68 -17.86
N ARG B 46 -7.84 -3.10 -17.33
CA ARG B 46 -8.66 -3.76 -16.31
C ARG B 46 -9.13 -5.14 -16.74
N GLN B 47 -9.62 -5.25 -17.98
CA GLN B 47 -10.07 -6.52 -18.54
C GLN B 47 -8.95 -7.54 -18.60
N ASN B 48 -7.84 -7.15 -19.19
CA ASN B 48 -6.70 -8.08 -19.28
C ASN B 48 -6.18 -8.56 -17.90
N TYR B 49 -6.19 -7.67 -16.90
CA TYR B 49 -5.73 -8.07 -15.54
C TYR B 49 -6.74 -9.00 -14.90
N GLN B 50 -8.02 -8.66 -15.00
CA GLN B 50 -9.08 -9.45 -14.38
C GLN B 50 -9.22 -10.88 -14.95
N GLN B 51 -9.10 -10.97 -16.28
CA GLN B 51 -9.11 -12.21 -17.07
C GLN B 51 -8.02 -13.16 -16.62
N PHE B 52 -6.87 -12.60 -16.26
CA PHE B 52 -5.74 -13.41 -15.83
C PHE B 52 -5.84 -13.76 -14.35
N PHE B 53 -6.26 -12.80 -13.54
CA PHE B 53 -6.32 -13.05 -12.11
C PHE B 53 -7.51 -13.92 -11.70
N ASN B 54 -8.66 -13.72 -12.35
CA ASN B 54 -9.87 -14.44 -11.93
C ASN B 54 -9.95 -15.94 -12.27
N TYR B 55 -10.62 -16.70 -11.40
CA TYR B 55 -11.12 -18.03 -11.72
C TYR B 55 -11.99 -17.85 -12.95
N PRO B 56 -11.94 -18.79 -13.93
CA PRO B 56 -11.32 -20.10 -13.90
C PRO B 56 -9.94 -20.23 -14.57
N ASN B 57 -9.20 -19.12 -14.76
CA ASN B 57 -7.82 -19.21 -15.29
C ASN B 57 -6.92 -20.17 -14.50
N PRO B 58 -6.58 -21.35 -15.10
CA PRO B 58 -5.69 -22.39 -14.55
C PRO B 58 -4.30 -21.93 -14.12
N THR B 59 -3.85 -20.78 -14.64
CA THR B 59 -2.51 -20.30 -14.37
C THR B 59 -2.50 -19.02 -13.51
N SER B 60 -3.69 -18.59 -13.08
CA SER B 60 -3.86 -17.54 -12.12
C SER B 60 -3.08 -17.84 -10.86
N PRO B 61 -2.43 -16.81 -10.27
CA PRO B 61 -1.68 -17.01 -9.03
C PRO B 61 -2.59 -17.60 -7.92
N GLN B 62 -3.87 -17.24 -7.95
CA GLN B 62 -4.87 -17.80 -7.05
C GLN B 62 -4.94 -19.33 -7.12
N VAL B 63 -5.02 -19.86 -8.35
CA VAL B 63 -5.09 -21.30 -8.60
C VAL B 63 -3.74 -22.01 -8.35
N ILE B 64 -2.69 -21.45 -8.92
CA ILE B 64 -1.34 -22.02 -8.86
C ILE B 64 -0.76 -21.98 -7.43
N LEU B 65 -0.89 -20.83 -6.77
CA LEU B 65 -0.26 -20.58 -5.46
C LEU B 65 -1.25 -20.67 -4.30
N GLY B 66 -2.43 -20.08 -4.46
CA GLY B 66 -3.47 -20.14 -3.45
C GLY B 66 -2.97 -19.67 -2.09
N LYS B 67 -3.13 -20.53 -1.09
CA LYS B 67 -2.80 -20.21 0.28
C LYS B 67 -1.39 -20.67 0.65
N HIS B 68 -0.77 -21.46 -0.24
CA HIS B 68 0.52 -22.10 0.03
C HIS B 68 1.75 -21.48 -0.65
N GLY B 69 1.57 -20.37 -1.36
CA GLY B 69 2.69 -19.66 -1.97
C GLY B 69 2.42 -18.18 -2.11
N ARG B 70 3.48 -17.44 -2.40
CA ARG B 70 3.37 -16.02 -2.64
C ARG B 70 4.44 -15.47 -3.58
N LEU B 71 4.13 -14.34 -4.20
CA LEU B 71 5.04 -13.61 -5.05
C LEU B 71 5.32 -12.23 -4.46
N GLU B 72 6.61 -11.92 -4.38
CA GLU B 72 7.11 -10.69 -3.80
C GLU B 72 7.86 -9.93 -4.89
N VAL B 73 7.74 -8.61 -4.87
CA VAL B 73 8.31 -7.73 -5.88
C VAL B 73 9.23 -6.69 -5.20
N GLU B 74 10.41 -6.48 -5.77
CA GLU B 74 11.34 -5.48 -5.25
C GLU B 74 11.74 -4.57 -6.38
N HIS B 75 11.61 -3.27 -6.14
CA HIS B 75 11.89 -2.27 -7.16
C HIS B 75 13.35 -2.32 -7.56
N ILE B 76 13.64 -2.06 -8.84
CA ILE B 76 15.03 -1.89 -9.30
C ILE B 76 15.24 -0.50 -9.86
N ALA B 77 14.52 -0.12 -10.92
CA ALA B 77 14.59 1.25 -11.47
C ALA B 77 13.26 1.67 -12.13
N SER B 78 13.06 2.97 -12.26
CA SER B 78 11.94 3.52 -12.99
C SER B 78 12.57 4.51 -13.96
N ASN B 79 12.21 4.38 -15.24
CA ASN B 79 12.75 5.22 -16.30
C ASN B 79 11.61 5.81 -17.12
N ASP B 80 11.53 7.13 -17.19
CA ASP B 80 10.58 7.80 -18.09
C ASP B 80 11.05 7.65 -19.54
N VAL B 81 10.22 7.06 -20.39
CA VAL B 81 10.64 6.88 -21.80
C VAL B 81 10.11 8.01 -22.70
N THR B 82 8.81 8.29 -22.62
CA THR B 82 8.19 9.49 -23.19
C THR B 82 7.18 10.01 -22.18
N PRO B 83 6.57 11.20 -22.42
CA PRO B 83 5.53 11.65 -21.50
C PRO B 83 4.41 10.61 -21.46
N GLY B 84 3.98 10.22 -20.26
CA GLY B 84 2.91 9.23 -20.15
C GLY B 84 3.29 7.77 -20.22
N VAL B 85 4.58 7.45 -20.42
CA VAL B 85 5.08 6.06 -20.41
C VAL B 85 6.29 5.95 -19.45
N GLN B 86 6.38 4.84 -18.74
CA GLN B 86 7.47 4.63 -17.79
C GLN B 86 7.78 3.16 -17.85
N GLN B 87 9.07 2.84 -17.81
CA GLN B 87 9.50 1.45 -17.69
C GLN B 87 10.00 1.23 -16.28
N ILE B 88 9.59 0.10 -15.70
CA ILE B 88 9.87 -0.23 -14.32
C ILE B 88 10.52 -1.60 -14.29
N ARG B 89 11.80 -1.64 -13.88
CA ARG B 89 12.54 -2.90 -13.65
C ARG B 89 12.30 -3.40 -12.23
N TYR B 90 12.11 -4.70 -12.05
CA TYR B 90 11.84 -5.18 -10.70
C TYR B 90 12.22 -6.63 -10.58
N LYS B 91 12.50 -7.09 -9.38
CA LYS B 91 12.79 -8.49 -9.17
C LYS B 91 11.61 -9.15 -8.53
N ARG B 92 11.27 -10.34 -9.01
CA ARG B 92 10.11 -11.05 -8.52
C ARG B 92 10.59 -12.36 -7.90
N THR B 93 10.14 -12.64 -6.68
CA THR B 93 10.54 -13.83 -5.96
C THR B 93 9.33 -14.66 -5.65
N LEU B 94 9.41 -15.94 -6.02
CA LEU B 94 8.38 -16.93 -5.72
C LEU B 94 8.78 -17.66 -4.46
N ILE B 95 7.92 -17.59 -3.45
CA ILE B 95 8.17 -18.30 -2.20
C ILE B 95 7.08 -19.34 -2.00
N VAL B 96 7.42 -20.62 -2.17
CA VAL B 96 6.49 -21.74 -1.93
C VAL B 96 7.04 -22.59 -0.78
N ASP B 97 6.23 -23.51 -0.26
CA ASP B 97 6.69 -24.36 0.83
C ASP B 97 7.62 -25.51 0.38
N GLY B 98 8.68 -25.72 1.16
CA GLY B 98 9.63 -26.81 0.91
C GLY B 98 10.71 -26.51 -0.12
N LYS B 99 10.63 -25.32 -0.72
CA LYS B 99 11.57 -24.94 -1.77
C LYS B 99 12.22 -23.60 -1.49
N MET B 100 13.44 -23.43 -2.00
CA MET B 100 14.17 -22.16 -1.96
C MET B 100 13.35 -21.06 -2.63
N PRO B 101 13.52 -19.80 -2.20
CA PRO B 101 12.89 -18.73 -2.97
C PRO B 101 13.48 -18.64 -4.40
N MET B 102 12.63 -18.83 -5.41
CA MET B 102 13.01 -18.73 -6.82
C MET B 102 12.72 -17.31 -7.34
N ALA B 103 13.73 -16.70 -7.94
CA ALA B 103 13.70 -15.29 -8.31
C ALA B 103 13.91 -15.05 -9.83
N SER B 104 13.43 -13.89 -10.32
CA SER B 104 13.59 -13.49 -11.72
C SER B 104 13.35 -11.99 -11.86
N THR B 105 13.95 -11.38 -12.88
CA THR B 105 13.85 -9.93 -13.10
C THR B 105 12.96 -9.59 -14.32
N TRP B 106 12.27 -8.44 -14.27
CA TRP B 106 11.23 -8.08 -15.23
C TRP B 106 11.28 -6.59 -15.54
N THR B 107 10.72 -6.20 -16.69
CA THR B 107 10.52 -4.79 -16.99
C THR B 107 9.01 -4.64 -17.25
N ALA B 108 8.29 -3.84 -16.45
CA ALA B 108 6.93 -3.43 -16.86
C ALA B 108 7.05 -2.18 -17.69
N THR B 109 6.20 -2.08 -18.71
CA THR B 109 6.08 -0.88 -19.52
C THR B 109 4.69 -0.32 -19.27
N VAL B 110 4.63 0.87 -18.67
CA VAL B 110 3.36 1.39 -18.16
C VAL B 110 3.04 2.73 -18.81
N ARG B 111 1.96 2.76 -19.61
CA ARG B 111 1.43 4.05 -20.10
C ARG B 111 0.33 4.54 -19.15
N TYR B 112 0.24 5.85 -18.95
CA TYR B 112 -0.73 6.37 -17.96
C TYR B 112 -1.30 7.70 -18.41
N GLU B 113 -2.54 7.99 -18.00
CA GLU B 113 -3.16 9.32 -18.17
C GLU B 113 -3.43 9.93 -16.78
N LYS B 114 -3.71 11.23 -16.74
CA LYS B 114 -4.19 11.88 -15.53
C LYS B 114 -5.63 12.30 -15.76
N VAL B 115 -6.53 11.77 -14.94
CA VAL B 115 -7.92 12.28 -14.90
C VAL B 115 -8.04 13.37 -13.82
N THR B 116 -8.79 14.42 -14.13
CA THR B 116 -8.93 15.55 -13.20
C THR B 116 -9.87 15.25 -11.99
N SER B 117 -10.75 14.27 -12.11
CA SER B 117 -11.69 14.01 -11.02
C SER B 117 -11.82 12.54 -10.70
N LEU B 118 -11.97 12.24 -9.42
CA LEU B 118 -12.14 10.87 -8.94
C LEU B 118 -13.13 10.91 -7.80
N PRO B 119 -13.90 9.82 -7.57
CA PRO B 119 -14.66 9.86 -6.32
C PRO B 119 -13.71 9.92 -5.12
N GLY B 120 -14.21 10.40 -3.99
CA GLY B 120 -13.40 10.58 -2.78
C GLY B 120 -12.67 9.32 -2.33
N ARG B 121 -13.35 8.18 -2.43
CA ARG B 121 -12.84 6.86 -2.05
C ARG B 121 -11.69 6.43 -2.92
N LEU B 122 -11.60 7.03 -4.10
CA LEU B 122 -10.51 6.70 -5.02
C LEU B 122 -9.40 7.75 -4.91
N ARG B 123 -9.78 9.01 -4.80
CA ARG B 123 -8.81 10.08 -4.61
C ARG B 123 -7.87 9.75 -3.43
N LEU B 124 -8.47 9.22 -2.37
CA LEU B 124 -7.75 8.82 -1.18
C LEU B 124 -6.56 7.82 -1.35
N THR B 125 -6.60 6.99 -2.39
CA THR B 125 -5.58 5.96 -2.62
C THR B 125 -4.79 6.26 -3.90
N ASN B 126 -5.26 7.26 -4.62
CA ASN B 126 -4.72 7.71 -5.88
C ASN B 126 -4.83 9.25 -5.85
N PRO B 127 -3.99 9.91 -5.04
CA PRO B 127 -4.05 11.38 -4.99
C PRO B 127 -3.79 12.12 -6.29
N GLY B 128 -3.06 11.50 -7.22
CA GLY B 128 -2.64 12.20 -8.45
C GLY B 128 -3.55 11.94 -9.65
N GLY B 129 -4.60 11.15 -9.45
CA GLY B 129 -5.59 10.84 -10.50
C GLY B 129 -5.04 10.02 -11.66
N LEU B 130 -4.08 9.15 -11.38
CA LEU B 130 -3.43 8.37 -12.42
C LEU B 130 -4.30 7.20 -12.84
N VAL B 131 -4.30 6.93 -14.14
CA VAL B 131 -4.98 5.74 -14.66
C VAL B 131 -4.05 5.11 -15.67
N VAL B 132 -3.82 3.82 -15.53
CA VAL B 132 -3.02 3.03 -16.47
C VAL B 132 -3.83 2.63 -17.71
N THR B 133 -3.44 3.17 -18.87
CA THR B 133 -4.14 2.98 -20.14
C THR B 133 -3.48 1.92 -21.03
N SER B 134 -2.23 1.58 -20.72
CA SER B 134 -1.56 0.42 -21.29
C SER B 134 -0.60 -0.25 -20.30
N TYR B 135 -0.57 -1.59 -20.32
CA TYR B 135 0.32 -2.35 -19.45
C TYR B 135 0.81 -3.66 -20.04
N GLN B 136 2.12 -3.82 -20.08
CA GLN B 136 2.73 -5.09 -20.37
C GLN B 136 3.97 -5.36 -19.57
N THR B 137 4.24 -6.62 -19.34
CA THR B 137 5.42 -6.95 -18.59
C THR B 137 6.21 -8.07 -19.26
N SER B 138 7.54 -7.98 -19.24
CA SER B 138 8.37 -9.09 -19.74
C SER B 138 9.48 -9.52 -18.82
N GLU B 139 9.52 -10.82 -18.65
CA GLU B 139 10.48 -11.49 -17.84
C GLU B 139 11.78 -11.61 -18.64
N ASP B 140 12.90 -11.42 -17.95
CA ASP B 140 14.23 -11.65 -18.53
C ASP B 140 14.36 -13.03 -19.22
N THR B 141 15.01 -13.03 -20.37
CA THR B 141 15.35 -14.26 -21.11
C THR B 141 16.51 -14.97 -20.41
N VAL B 142 16.40 -16.27 -20.16
CA VAL B 142 17.51 -17.05 -19.62
C VAL B 142 18.17 -17.95 -20.66
N SER B 143 19.49 -18.01 -20.58
CA SER B 143 20.30 -18.91 -21.40
C SER B 143 21.18 -19.68 -20.45
N ASN B 144 20.96 -20.99 -20.41
CA ASN B 144 21.82 -21.93 -19.67
C ASN B 144 21.97 -21.58 -18.19
C1 MPD C . 4.24 -0.46 -2.76
C2 MPD C . 4.82 0.33 -1.60
O2 MPD C . 3.72 0.65 -0.71
CM MPD C . 5.30 1.60 -2.28
C3 MPD C . 5.90 -0.31 -0.70
C4 MPD C . 7.01 -1.29 -1.11
O4 MPD C . 7.91 -0.84 -2.11
C5 MPD C . 7.85 -1.51 0.15
C1 MPD D . -2.54 2.03 -6.81
C2 MPD D . -2.50 3.37 -7.55
O2 MPD D . -1.15 3.87 -7.45
CM MPD D . -3.40 4.32 -6.81
C3 MPD D . -2.93 3.24 -9.04
C4 MPD D . -2.57 4.41 -9.97
O4 MPD D . -1.61 5.26 -9.37
C5 MPD D . -2.00 4.00 -11.32
#